data_5EVE
#
_entry.id   5EVE
#
_cell.length_a   35.473
_cell.length_b   40.424
_cell.length_c   42.004
_cell.angle_alpha   90.000
_cell.angle_beta   91.880
_cell.angle_gamma   90.000
#
_symmetry.space_group_name_H-M   'P 1 21 1'
#
loop_
_entity.id
_entity.type
_entity.pdbx_description
1 polymer Profilin
2 polymer 'Poly-Proline peptide'
3 water water
#
loop_
_entity_poly.entity_id
_entity_poly.type
_entity_poly.pdbx_seq_one_letter_code
_entity_poly.pdbx_strand_id
1 'polypeptide(L)'
;SWQTYVDEHLMCDIEGTGQHLASAAIFGTDGNVWAKSSSFPEFKPDEINAIIKEFSEPGALAPTGLFLAGAKYMVIQGEP
GAVIRGKKGAGGICIKKTGQAMVFGIYEEPVNPGQCNMVVERLGDYLVDQGM
;
A
2 'polypeptide(L)' PPPPPPPPPP B
#
# COMPACT_ATOMS: atom_id res chain seq x y z
N SER A 1 -15.86 7.81 5.42
CA SER A 1 -15.59 6.91 4.25
C SER A 1 -14.10 6.62 4.10
N TRP A 2 -13.77 5.77 3.14
CA TRP A 2 -12.37 5.36 2.90
C TRP A 2 -11.49 6.45 2.33
N GLN A 3 -12.07 7.44 1.66
CA GLN A 3 -11.30 8.59 1.16
C GLN A 3 -10.67 9.41 2.29
N THR A 4 -11.38 9.50 3.42
CA THR A 4 -10.87 10.15 4.64
C THR A 4 -9.61 9.47 5.16
N TYR A 5 -9.59 8.14 5.10
CA TYR A 5 -8.43 7.35 5.52
C TYR A 5 -7.19 7.57 4.66
N VAL A 6 -7.36 7.71 3.35
CA VAL A 6 -6.23 7.95 2.45
C VAL A 6 -5.68 9.36 2.68
N ASP A 7 -6.58 10.34 2.67
CA ASP A 7 -6.21 11.75 2.81
C ASP A 7 -5.58 12.06 4.16
N GLU A 8 -6.22 11.64 5.24
CA GLU A 8 -5.77 11.96 6.61
C GLU A 8 -4.79 10.97 7.26
N HIS A 9 -4.76 9.70 6.82
CA HIS A 9 -3.90 8.68 7.46
C HIS A 9 -2.87 7.96 6.55
N LEU A 10 -2.88 8.26 5.25
CA LEU A 10 -1.82 7.80 4.34
C LEU A 10 -1.04 8.96 3.72
N MET A 11 -1.77 9.95 3.20
CA MET A 11 -1.16 11.15 2.62
C MET A 11 -0.82 12.23 3.65
N CYS A 12 -0.92 11.92 4.94
CA CYS A 12 -0.49 12.81 6.03
C CYS A 12 1.00 13.18 5.94
N ASP A 13 1.36 14.22 6.68
CA ASP A 13 2.76 14.64 6.80
C ASP A 13 3.51 13.64 7.68
N ILE A 14 4.67 13.17 7.22
CA ILE A 14 5.43 12.13 7.92
C ILE A 14 6.21 12.78 9.06
N GLU A 15 6.32 12.07 10.19
CA GLU A 15 6.84 12.62 11.45
C GLU A 15 8.30 13.11 11.38
N GLY A 16 8.54 14.31 11.93
CA GLY A 16 9.85 14.95 11.86
C GLY A 16 10.32 15.28 10.45
N THR A 17 9.36 15.50 9.55
CA THR A 17 9.61 15.69 8.12
C THR A 17 8.49 16.58 7.57
N GLY A 18 8.73 17.20 6.41
CA GLY A 18 7.68 17.87 5.64
C GLY A 18 7.11 17.00 4.52
N GLN A 19 7.76 15.86 4.28
CA GLN A 19 7.45 14.96 3.18
C GLN A 19 6.12 14.24 3.41
N HIS A 20 5.60 13.66 2.33
CA HIS A 20 4.48 12.75 2.40
C HIS A 20 4.56 11.80 1.21
N LEU A 21 3.78 10.72 1.26
CA LEU A 21 3.77 9.73 0.19
C LEU A 21 3.40 10.38 -1.13
N ALA A 22 4.01 9.90 -2.21
CA ALA A 22 3.73 10.40 -3.57
C ALA A 22 2.27 10.11 -3.93
N SER A 23 1.79 8.94 -3.54
CA SER A 23 0.39 8.58 -3.67
C SER A 23 0.05 7.44 -2.70
N ALA A 24 -1.24 7.11 -2.62
CA ALA A 24 -1.70 6.06 -1.73
C ALA A 24 -3.06 5.54 -2.14
N ALA A 25 -3.41 4.38 -1.62
CA ALA A 25 -4.73 3.78 -1.86
C ALA A 25 -5.07 2.71 -0.83
N ILE A 26 -6.36 2.40 -0.76
CA ILE A 26 -6.86 1.28 0.02
C ILE A 26 -7.71 0.44 -0.92
N PHE A 27 -7.32 -0.83 -1.09
CA PHE A 27 -8.06 -1.81 -1.89
C PHE A 27 -8.69 -2.84 -0.97
N GLY A 28 -9.69 -3.54 -1.47
CA GLY A 28 -10.16 -4.77 -0.86
C GLY A 28 -9.22 -5.89 -1.25
N THR A 29 -9.17 -6.95 -0.44
CA THR A 29 -8.38 -8.15 -0.77
C THR A 29 -8.86 -8.84 -2.06
N ASP A 30 -10.09 -8.56 -2.48
CA ASP A 30 -10.62 -8.94 -3.80
C ASP A 30 -10.08 -8.12 -4.99
N GLY A 31 -9.38 -7.02 -4.72
CA GLY A 31 -8.74 -6.20 -5.75
C GLY A 31 -9.52 -5.00 -6.24
N ASN A 32 -10.70 -4.76 -5.65
CA ASN A 32 -11.48 -3.57 -5.94
C ASN A 32 -10.97 -2.43 -5.08
N VAL A 33 -10.63 -1.30 -5.72
CA VAL A 33 -10.18 -0.12 -4.99
C VAL A 33 -11.33 0.49 -4.18
N TRP A 34 -11.05 0.80 -2.92
CA TRP A 34 -12.02 1.49 -2.04
C TRP A 34 -11.80 3.00 -2.04
N ALA A 35 -10.53 3.41 -2.01
CA ALA A 35 -10.16 4.82 -2.09
C ALA A 35 -8.71 4.94 -2.53
N LYS A 36 -8.40 6.04 -3.20
CA LYS A 36 -7.05 6.33 -3.69
C LYS A 36 -6.80 7.82 -3.75
N SER A 37 -5.53 8.20 -3.71
CA SER A 37 -5.13 9.60 -3.84
C SER A 37 -5.26 10.02 -5.30
N SER A 38 -5.31 11.34 -5.50
CA SER A 38 -5.51 11.93 -6.83
C SER A 38 -4.44 11.52 -7.84
N SER A 39 -3.19 11.41 -7.37
CA SER A 39 -2.05 11.03 -8.21
C SER A 39 -1.65 9.55 -8.06
N PHE A 40 -2.61 8.69 -7.68
CA PHE A 40 -2.35 7.25 -7.59
C PHE A 40 -2.24 6.67 -9.00
N PRO A 41 -1.23 5.81 -9.26
CA PRO A 41 -0.98 5.32 -10.61
C PRO A 41 -2.17 4.60 -11.25
N GLU A 42 -2.35 4.84 -12.55
CA GLU A 42 -3.42 4.22 -13.33
C GLU A 42 -3.08 2.73 -13.54
N PHE A 43 -3.33 1.95 -12.49
CA PHE A 43 -3.04 0.51 -12.45
C PHE A 43 -3.89 -0.29 -13.44
N LYS A 44 -3.35 -1.44 -13.84
CA LYS A 44 -4.02 -2.36 -14.75
C LYS A 44 -4.54 -3.55 -13.94
N PRO A 45 -5.63 -4.20 -14.40
CA PRO A 45 -6.22 -5.28 -13.59
C PRO A 45 -5.27 -6.44 -13.25
N ASP A 46 -4.48 -6.89 -14.22
CA ASP A 46 -3.57 -8.03 -14.02
C ASP A 46 -2.39 -7.75 -13.07
N GLU A 47 -2.05 -6.47 -12.91
CA GLU A 47 -1.08 -6.04 -11.89
C GLU A 47 -1.60 -6.25 -10.47
N ILE A 48 -2.90 -6.01 -10.28
CA ILE A 48 -3.54 -6.20 -8.99
C ILE A 48 -3.69 -7.70 -8.68
N ASN A 49 -4.07 -8.49 -9.68
CA ASN A 49 -4.10 -9.95 -9.55
C ASN A 49 -2.76 -10.54 -9.12
N ALA A 50 -1.68 -10.02 -9.69
CA ALA A 50 -0.32 -10.43 -9.34
C ALA A 50 0.01 -10.13 -7.88
N ILE A 51 -0.39 -8.95 -7.41
CA ILE A 51 -0.21 -8.55 -6.00
C ILE A 51 -1.05 -9.43 -5.07
N ILE A 52 -2.27 -9.74 -5.49
CA ILE A 52 -3.14 -10.66 -4.74
C ILE A 52 -2.54 -12.07 -4.70
N LYS A 53 -1.96 -12.51 -5.81
CA LYS A 53 -1.31 -13.82 -5.88
C LYS A 53 0.00 -13.89 -5.05
N GLU A 54 0.67 -12.76 -4.91
CA GLU A 54 1.89 -12.65 -4.10
C GLU A 54 1.63 -12.80 -2.60
N PHE A 55 0.48 -12.32 -2.13
CA PHE A 55 0.08 -12.55 -0.73
C PHE A 55 -0.36 -14.01 -0.50
N SER A 56 -0.89 -14.67 -1.53
CA SER A 56 -1.24 -16.09 -1.48
C SER A 56 -0.05 -17.05 -1.66
N GLU A 57 0.92 -16.63 -2.49
CA GLU A 57 2.15 -17.40 -2.76
C GLU A 57 3.36 -16.47 -2.72
N PRO A 58 3.94 -16.24 -1.52
CA PRO A 58 5.04 -15.27 -1.40
C PRO A 58 6.29 -15.60 -2.22
N GLY A 59 6.97 -14.55 -2.68
CA GLY A 59 8.17 -14.68 -3.51
C GLY A 59 7.96 -15.00 -4.99
N ALA A 60 6.73 -14.98 -5.47
CA ALA A 60 6.42 -15.28 -6.87
C ALA A 60 6.85 -14.17 -7.81
N LEU A 61 6.77 -12.91 -7.35
CA LEU A 61 7.16 -11.75 -8.13
C LEU A 61 8.63 -11.36 -7.98
N ALA A 62 9.38 -12.07 -7.14
CA ALA A 62 10.78 -11.71 -6.83
C ALA A 62 11.73 -11.72 -8.05
N PRO A 63 11.73 -12.82 -8.85
CA PRO A 63 12.62 -12.83 -10.02
C PRO A 63 12.25 -11.84 -11.13
N THR A 64 10.95 -11.65 -11.36
CA THR A 64 10.45 -10.90 -12.52
C THR A 64 10.02 -9.46 -12.22
N GLY A 65 9.57 -9.20 -10.99
CA GLY A 65 9.27 -7.85 -10.53
C GLY A 65 7.79 -7.61 -10.27
N LEU A 66 7.51 -6.53 -9.54
CA LEU A 66 6.15 -6.09 -9.25
C LEU A 66 5.83 -4.91 -10.14
N PHE A 67 4.72 -4.99 -10.87
CA PHE A 67 4.33 -3.94 -11.81
C PHE A 67 3.13 -3.16 -11.31
N LEU A 68 3.20 -1.83 -11.44
CA LEU A 68 2.06 -0.95 -11.14
C LEU A 68 2.01 0.20 -12.14
N ALA A 69 0.88 0.30 -12.86
CA ALA A 69 0.71 1.26 -13.95
C ALA A 69 1.86 1.19 -14.97
N GLY A 70 2.30 -0.02 -15.28
CA GLY A 70 3.42 -0.26 -16.19
C GLY A 70 4.82 -0.13 -15.62
N ALA A 71 4.95 0.42 -14.41
CA ALA A 71 6.24 0.68 -13.78
C ALA A 71 6.68 -0.54 -12.98
N LYS A 72 7.89 -1.03 -13.25
CA LYS A 72 8.43 -2.20 -12.58
C LYS A 72 9.13 -1.78 -11.29
N TYR A 73 8.79 -2.47 -10.20
CA TYR A 73 9.45 -2.31 -8.91
C TYR A 73 10.29 -3.56 -8.66
N MET A 74 11.57 -3.37 -8.39
CA MET A 74 12.46 -4.43 -7.93
C MET A 74 11.92 -4.88 -6.58
N VAL A 75 11.52 -6.13 -6.47
CA VAL A 75 10.96 -6.65 -5.23
C VAL A 75 12.09 -6.78 -4.21
N ILE A 76 11.79 -6.42 -2.96
CA ILE A 76 12.73 -6.57 -1.84
C ILE A 76 12.07 -7.39 -0.73
N GLN A 77 12.82 -7.64 0.33
CA GLN A 77 12.34 -8.42 1.47
C GLN A 77 11.01 -7.89 2.03
N GLY A 78 10.10 -8.81 2.31
CA GLY A 78 8.79 -8.51 2.91
C GLY A 78 8.31 -9.62 3.81
N GLU A 79 7.26 -9.34 4.57
CA GLU A 79 6.63 -10.31 5.47
C GLU A 79 5.69 -11.20 4.64
N PRO A 80 5.81 -12.55 4.75
CA PRO A 80 4.98 -13.40 3.89
C PRO A 80 3.48 -13.29 4.15
N GLY A 81 2.71 -13.01 3.10
CA GLY A 81 1.26 -12.85 3.18
C GLY A 81 0.77 -11.57 3.84
N ALA A 82 1.70 -10.71 4.25
CA ALA A 82 1.38 -9.54 5.06
C ALA A 82 1.84 -8.23 4.39
N VAL A 83 3.11 -8.16 4.01
CA VAL A 83 3.69 -6.96 3.38
C VAL A 83 4.47 -7.33 2.13
N ILE A 84 4.26 -6.57 1.05
CA ILE A 84 5.08 -6.62 -0.15
C ILE A 84 5.82 -5.30 -0.25
N ARG A 85 7.11 -5.37 -0.56
CA ARG A 85 7.97 -4.19 -0.62
C ARG A 85 8.74 -4.17 -1.93
N GLY A 86 8.84 -2.98 -2.53
CA GLY A 86 9.47 -2.81 -3.84
C GLY A 86 10.30 -1.54 -3.99
N LYS A 87 11.32 -1.61 -4.82
CA LYS A 87 12.22 -0.50 -5.12
C LYS A 87 12.11 -0.13 -6.59
N LYS A 88 11.92 1.16 -6.85
CA LYS A 88 11.97 1.69 -8.21
C LYS A 88 12.94 2.87 -8.19
N GLY A 89 14.23 2.55 -8.26
CA GLY A 89 15.31 3.55 -8.21
C GLY A 89 15.30 4.30 -6.89
N ALA A 90 14.99 5.59 -6.97
CA ALA A 90 14.87 6.45 -5.79
C ALA A 90 13.59 6.13 -5.01
N GLY A 91 12.48 5.98 -5.73
CA GLY A 91 11.19 5.69 -5.12
C GLY A 91 11.00 4.25 -4.68
N GLY A 92 9.77 3.92 -4.30
CA GLY A 92 9.40 2.56 -3.94
C GLY A 92 7.93 2.40 -3.63
N ILE A 93 7.57 1.22 -3.15
CA ILE A 93 6.18 0.87 -2.88
C ILE A 93 6.11 -0.07 -1.68
N CYS A 94 5.10 0.14 -0.84
CA CYS A 94 4.85 -0.70 0.33
C CYS A 94 3.38 -1.09 0.26
N ILE A 95 3.09 -2.40 0.27
CA ILE A 95 1.71 -2.90 0.22
C ILE A 95 1.48 -3.76 1.46
N LYS A 96 0.57 -3.32 2.34
CA LYS A 96 0.28 -4.02 3.59
C LYS A 96 -1.12 -4.64 3.54
N LYS A 97 -1.19 -5.95 3.72
CA LYS A 97 -2.46 -6.69 3.73
C LYS A 97 -2.96 -6.84 5.16
N THR A 98 -4.26 -6.60 5.35
CA THR A 98 -4.97 -6.80 6.61
C THR A 98 -5.94 -7.96 6.39
N GLY A 99 -6.89 -8.15 7.31
CA GLY A 99 -7.93 -9.16 7.14
C GLY A 99 -8.80 -8.99 5.90
N GLN A 100 -9.20 -7.75 5.63
CA GLN A 100 -10.13 -7.43 4.53
C GLN A 100 -9.64 -6.39 3.52
N ALA A 101 -8.44 -5.84 3.72
CA ALA A 101 -7.93 -4.74 2.89
C ALA A 101 -6.48 -4.92 2.49
N MET A 102 -6.07 -4.12 1.52
CA MET A 102 -4.69 -3.98 1.11
C MET A 102 -4.39 -2.50 1.04
N VAL A 103 -3.46 -2.04 1.86
CA VAL A 103 -3.10 -0.63 1.94
C VAL A 103 -1.83 -0.37 1.15
N PHE A 104 -1.95 0.46 0.11
CA PHE A 104 -0.83 0.81 -0.78
C PHE A 104 -0.21 2.14 -0.39
N GLY A 105 1.13 2.17 -0.35
CA GLY A 105 1.89 3.41 -0.18
C GLY A 105 2.98 3.46 -1.23
N ILE A 106 3.08 4.59 -1.92
CA ILE A 106 4.11 4.82 -2.94
C ILE A 106 4.86 6.08 -2.59
N TYR A 107 6.18 5.99 -2.52
CA TYR A 107 7.03 7.10 -2.10
C TYR A 107 8.05 7.47 -3.17
N GLU A 108 8.65 8.64 -2.99
CA GLU A 108 9.74 9.13 -3.84
C GLU A 108 10.84 9.69 -2.96
N GLU A 109 12.00 9.95 -3.56
CA GLU A 109 13.10 10.58 -2.84
C GLU A 109 12.65 11.97 -2.35
N PRO A 110 12.97 12.35 -1.11
CA PRO A 110 13.93 11.66 -0.22
C PRO A 110 13.32 10.70 0.82
N VAL A 111 12.12 10.17 0.59
CA VAL A 111 11.44 9.32 1.57
C VAL A 111 12.09 7.93 1.60
N ASN A 112 12.37 7.43 2.79
CA ASN A 112 12.98 6.11 2.99
C ASN A 112 11.94 5.00 2.84
N PRO A 113 12.38 3.76 2.51
CA PRO A 113 11.45 2.62 2.53
C PRO A 113 10.90 2.32 3.93
N GLY A 114 11.67 2.65 4.97
CA GLY A 114 11.22 2.51 6.36
C GLY A 114 10.10 3.46 6.77
N GLN A 115 10.06 4.66 6.17
CA GLN A 115 9.06 5.66 6.50
C GLN A 115 7.74 5.44 5.76
N CYS A 116 7.82 5.00 4.51
CA CYS A 116 6.64 4.51 3.78
C CYS A 116 6.05 3.30 4.50
N ASN A 117 6.92 2.41 4.93
CA ASN A 117 6.55 1.22 5.68
C ASN A 117 5.91 1.57 7.03
N MET A 118 6.40 2.63 7.68
CA MET A 118 5.80 3.14 8.92
C MET A 118 4.37 3.62 8.73
N VAL A 119 4.14 4.45 7.71
CA VAL A 119 2.79 4.98 7.43
C VAL A 119 1.81 3.87 7.09
N VAL A 120 2.24 2.98 6.19
CA VAL A 120 1.41 1.91 5.66
C VAL A 120 1.12 0.81 6.69
N GLU A 121 2.14 0.34 7.41
CA GLU A 121 1.97 -0.68 8.45
C GLU A 121 1.19 -0.18 9.67
N ARG A 122 1.38 1.09 10.03
CA ARG A 122 0.66 1.70 11.16
C ARG A 122 -0.84 1.69 10.90
N LEU A 123 -1.25 2.12 9.70
CA LEU A 123 -2.66 2.12 9.31
C LEU A 123 -3.22 0.71 9.18
N GLY A 124 -2.46 -0.16 8.49
CA GLY A 124 -2.82 -1.56 8.37
C GLY A 124 -3.05 -2.22 9.71
N ASP A 125 -2.14 -1.97 10.66
CA ASP A 125 -2.25 -2.54 12.01
C ASP A 125 -3.42 -1.97 12.83
N TYR A 126 -3.81 -0.72 12.56
CA TYR A 126 -5.02 -0.16 13.18
C TYR A 126 -6.27 -0.89 12.68
N LEU A 127 -6.37 -1.07 11.36
CA LEU A 127 -7.50 -1.77 10.74
C LEU A 127 -7.58 -3.25 11.14
N VAL A 128 -6.43 -3.86 11.45
CA VAL A 128 -6.39 -5.22 12.01
C VAL A 128 -6.96 -5.27 13.43
N ASP A 129 -6.59 -4.29 14.26
CA ASP A 129 -7.09 -4.20 15.65
C ASP A 129 -8.59 -3.90 15.72
N GLN A 130 -9.09 -3.10 14.77
CA GLN A 130 -10.55 -2.82 14.67
C GLN A 130 -11.36 -3.98 14.05
N GLY A 131 -10.69 -5.06 13.64
CA GLY A 131 -11.34 -6.28 13.18
C GLY A 131 -11.53 -6.37 11.69
N MET A 132 -10.61 -5.77 10.94
CA MET A 132 -10.65 -5.78 9.47
C MET A 132 -9.26 -6.05 8.92
N PRO B 1 -19.72 -4.89 -1.98
CA PRO B 1 -19.38 -3.49 -1.69
C PRO B 1 -18.24 -3.36 -0.67
N PRO B 2 -17.57 -2.19 -0.62
CA PRO B 2 -16.62 -1.98 0.49
C PRO B 2 -17.33 -1.95 1.83
N PRO B 3 -16.78 -2.63 2.86
CA PRO B 3 -17.40 -2.53 4.19
C PRO B 3 -17.20 -1.15 4.78
N PRO B 4 -18.11 -0.72 5.69
CA PRO B 4 -17.91 0.58 6.33
C PRO B 4 -16.59 0.67 7.09
N PRO B 5 -15.85 1.78 6.92
CA PRO B 5 -14.62 1.94 7.67
C PRO B 5 -14.89 2.07 9.17
N PRO B 6 -13.93 1.66 10.01
CA PRO B 6 -14.11 1.84 11.44
C PRO B 6 -13.99 3.32 11.82
N PRO B 7 -14.32 3.67 13.08
CA PRO B 7 -14.13 5.04 13.55
C PRO B 7 -12.69 5.52 13.34
N PRO B 8 -12.51 6.77 12.85
CA PRO B 8 -11.17 7.34 12.70
C PRO B 8 -10.30 7.23 13.96
N PRO B 9 -9.01 6.84 13.81
CA PRO B 9 -8.11 6.77 14.96
C PRO B 9 -7.75 8.16 15.53
N PRO B 10 -7.22 8.21 16.78
CA PRO B 10 -7.00 9.50 17.45
C PRO B 10 -5.86 10.30 16.82
#